data_5MXH
#
_entry.id   5MXH
#
_cell.length_a   81.323
_cell.length_b   81.323
_cell.length_c   114.181
_cell.angle_alpha   90.00
_cell.angle_beta   90.00
_cell.angle_gamma   120.00
#
_symmetry.space_group_name_H-M   'P 31 2 1'
#
loop_
_entity.id
_entity.type
_entity.pdbx_description
1 polymer 'Photorhabdus asymbiotica lectin PHL'
2 non-polymer beta-D-galactopyranose
3 non-polymer 'MAGNESIUM ION'
4 non-polymer 'CHLORIDE ION'
5 water water
#
_entity_poly.entity_id   1
_entity_poly.type   'polypeptide(L)'
_entity_poly.pdbx_seq_one_letter_code
;MQPINTSNPDNTASYVKDEVEITSSTIALSEIVSVVNTSDGRLEVFGVGTDKAVWHNRQMAPHTGSPWSGWSSLKGQVTS
KPVVYINTDGRLEVFARGTDNALWHIWQTATNAGWSNWQSLGGVITSNPAIYANTDGRLEVFARGADNALWHISQTTAHS
GPWSSWASLNGVITSNPTVHINSDGRLEVFARGTDNALWHIWQTAPDSNLWSSWESLNGIITSDPVVIDTADGRLEVFAR
GADNALWHIWQTISHSGPWSGWQSLNGVITSAPAVAKNCDNRLEAFARGTDNALWHTWQTVSHSGPWSSWQSLNGVITSA
PTAVRDADGRLEVFARGTDNALWLTWQTASSWSPWISLGGVLIDASAIK
;
_entity_poly.pdbx_strand_id   A
#
loop_
_chem_comp.id
_chem_comp.type
_chem_comp.name
_chem_comp.formula
CL non-polymer 'CHLORIDE ION' 'Cl -1'
GAL D-saccharide, beta linking beta-D-galactopyranose 'C6 H12 O6'
MG non-polymer 'MAGNESIUM ION' 'Mg 2'
#
# COMPACT_ATOMS: atom_id res chain seq x y z
N MET A 1 -13.94 19.62 -3.03
CA MET A 1 -12.85 19.70 -2.02
C MET A 1 -12.30 21.13 -1.90
N GLN A 2 -11.85 21.48 -0.70
CA GLN A 2 -11.29 22.82 -0.41
C GLN A 2 -9.96 23.08 -1.11
N PRO A 3 -9.73 24.32 -1.62
CA PRO A 3 -8.53 24.63 -2.45
C PRO A 3 -7.20 24.62 -1.67
N ILE A 27 12.11 9.44 4.19
CA ILE A 27 11.79 8.47 3.15
C ILE A 27 11.27 9.14 1.88
N ALA A 28 11.37 8.41 0.78
CA ALA A 28 10.94 8.87 -0.53
C ALA A 28 9.47 9.32 -0.48
N LEU A 29 9.11 10.29 -1.31
CA LEU A 29 7.75 10.83 -1.32
C LEU A 29 6.66 9.72 -1.42
N SER A 30 5.60 9.85 -0.64
CA SER A 30 4.63 8.77 -0.52
C SER A 30 3.57 8.74 -1.64
N GLU A 31 2.85 7.63 -1.67
CA GLU A 31 1.59 7.54 -2.40
C GLU A 31 0.59 8.52 -1.77
N ILE A 32 -0.23 9.15 -2.60
CA ILE A 32 -1.22 10.18 -2.21
C ILE A 32 -2.62 9.54 -1.91
N VAL A 33 -2.85 8.32 -2.40
CA VAL A 33 -4.10 7.63 -2.15
C VAL A 33 -3.86 6.16 -1.85
N SER A 34 -4.87 5.57 -1.21
CA SER A 34 -5.05 4.14 -1.04
C SER A 34 -6.12 3.71 -2.05
N VAL A 35 -5.93 2.59 -2.74
CA VAL A 35 -6.87 2.13 -3.78
C VAL A 35 -7.26 0.66 -3.59
N VAL A 36 -8.44 0.29 -4.07
CA VAL A 36 -8.90 -1.08 -4.00
C VAL A 36 -9.76 -1.38 -5.23
N ASN A 37 -9.69 -2.64 -5.70
CA ASN A 37 -10.60 -3.19 -6.70
C ASN A 37 -11.63 -3.89 -5.82
N THR A 38 -12.86 -3.39 -5.84
CA THR A 38 -13.90 -3.82 -4.91
C THR A 38 -14.55 -5.16 -5.27
N SER A 39 -15.42 -5.65 -4.41
CA SER A 39 -16.06 -6.93 -4.64
C SER A 39 -16.99 -6.94 -5.87
N ASP A 40 -17.38 -5.78 -6.37
CA ASP A 40 -18.14 -5.69 -7.65
C ASP A 40 -17.32 -5.08 -8.80
N GLY A 41 -15.99 -5.22 -8.72
CA GLY A 41 -15.08 -4.88 -9.79
C GLY A 41 -14.88 -3.42 -10.10
N ARG A 42 -15.07 -2.57 -9.11
CA ARG A 42 -14.91 -1.13 -9.26
C ARG A 42 -13.66 -0.68 -8.51
N LEU A 43 -12.87 0.19 -9.13
CA LEU A 43 -11.76 0.84 -8.44
C LEU A 43 -12.28 1.96 -7.58
N GLU A 44 -11.69 2.08 -6.40
CA GLU A 44 -12.10 3.13 -5.48
C GLU A 44 -10.87 3.61 -4.76
N VAL A 45 -10.72 4.94 -4.69
CA VAL A 45 -9.51 5.57 -4.16
C VAL A 45 -9.89 6.41 -2.95
N PHE A 46 -8.95 6.51 -2.01
CA PHE A 46 -9.19 7.23 -0.78
C PHE A 46 -8.00 8.13 -0.52
N GLY A 47 -8.31 9.39 -0.22
CA GLY A 47 -7.31 10.42 0.03
C GLY A 47 -7.68 11.37 1.14
N VAL A 48 -6.82 12.38 1.32
CA VAL A 48 -7.01 13.40 2.34
C VAL A 48 -7.03 14.80 1.74
N GLY A 49 -7.98 15.62 2.20
CA GLY A 49 -8.09 17.02 1.78
C GLY A 49 -7.39 17.98 2.75
N THR A 50 -7.39 19.29 2.43
CA THR A 50 -6.61 20.27 3.24
C THR A 50 -7.12 20.39 4.65
N ASP A 51 -8.42 20.20 4.85
CA ASP A 51 -8.99 20.20 6.18
C ASP A 51 -8.95 18.84 6.89
N LYS A 52 -8.21 17.87 6.32
CA LYS A 52 -7.87 16.60 7.00
C LYS A 52 -9.00 15.56 7.05
N ALA A 53 -10.04 15.76 6.23
CA ALA A 53 -11.05 14.75 6.06
C ALA A 53 -10.58 13.72 5.06
N VAL A 54 -11.12 12.52 5.18
CA VAL A 54 -10.86 11.44 4.19
C VAL A 54 -11.94 11.57 3.12
N TRP A 55 -11.50 11.59 1.87
CA TRP A 55 -12.38 11.62 0.72
C TRP A 55 -12.14 10.38 -0.12
N HIS A 56 -13.16 10.02 -0.88
CA HIS A 56 -13.09 8.94 -1.83
C HIS A 56 -13.83 9.21 -3.13
N ASN A 57 -13.45 8.44 -4.12
CA ASN A 57 -13.94 8.55 -5.50
C ASN A 57 -13.94 7.14 -6.05
N ARG A 58 -14.94 6.80 -6.86
CA ARG A 58 -15.06 5.43 -7.36
C ARG A 58 -15.70 5.34 -8.73
N GLN A 59 -15.32 4.29 -9.45
CA GLN A 59 -15.88 4.08 -10.77
C GLN A 59 -17.34 3.74 -10.64
N MET A 60 -18.14 4.30 -11.55
CA MET A 60 -19.52 3.88 -11.67
C MET A 60 -19.65 2.43 -12.14
N ALA A 61 -18.75 2.03 -13.03
CA ALA A 61 -18.89 0.79 -13.79
C ALA A 61 -17.59 0.01 -13.78
N PRO A 62 -17.70 -1.33 -13.84
CA PRO A 62 -16.50 -2.18 -13.70
C PRO A 62 -15.72 -2.27 -15.01
N HIS A 63 -15.21 -1.14 -15.48
CA HIS A 63 -14.44 -1.13 -16.72
C HIS A 63 -13.44 0.00 -16.80
N THR A 64 -12.38 -0.27 -17.54
CA THR A 64 -11.35 0.70 -17.78
C THR A 64 -12.01 1.89 -18.46
N GLY A 65 -11.71 3.10 -17.96
CA GLY A 65 -12.27 4.32 -18.51
C GLY A 65 -13.70 4.63 -18.09
N SER A 66 -14.24 3.87 -17.13
CA SER A 66 -15.53 4.22 -16.53
C SER A 66 -15.61 5.67 -16.05
N PRO A 67 -16.80 6.28 -16.12
CA PRO A 67 -16.91 7.54 -15.39
C PRO A 67 -16.74 7.31 -13.88
N TRP A 68 -16.38 8.37 -13.18
CA TRP A 68 -16.10 8.34 -11.74
C TRP A 68 -17.18 9.12 -11.00
N SER A 69 -17.37 8.78 -9.72
CA SER A 69 -18.39 9.41 -8.88
C SER A 69 -18.13 10.90 -8.65
N GLY A 70 -16.86 11.23 -8.58
CA GLY A 70 -16.41 12.46 -7.98
C GLY A 70 -16.01 12.21 -6.54
N TRP A 71 -15.34 13.20 -5.96
CA TRP A 71 -14.90 13.12 -4.57
C TRP A 71 -16.04 13.41 -3.58
N SER A 72 -16.19 12.57 -2.57
CA SER A 72 -17.08 12.88 -1.46
C SER A 72 -16.40 12.57 -0.14
N SER A 73 -16.85 13.25 0.92
CA SER A 73 -16.16 13.18 2.20
C SER A 73 -16.72 12.10 3.11
N LEU A 74 -15.82 11.29 3.67
CA LEU A 74 -16.17 10.47 4.81
C LEU A 74 -15.90 11.17 6.12
N LYS A 75 -15.61 12.47 6.06
CA LYS A 75 -15.32 13.27 7.22
C LYS A 75 -14.08 12.73 7.98
N GLY A 76 -14.04 12.88 9.29
CA GLY A 76 -12.89 12.50 10.08
C GLY A 76 -11.83 13.58 10.07
N GLN A 77 -10.80 13.40 10.90
CA GLN A 77 -9.69 14.34 11.00
C GLN A 77 -8.43 13.52 11.18
N VAL A 78 -7.68 13.36 10.09
CA VAL A 78 -6.63 12.36 10.04
C VAL A 78 -5.23 12.97 9.94
N THR A 79 -4.28 12.26 10.55
CA THR A 79 -2.85 12.61 10.53
C THR A 79 -1.99 11.46 10.00
N SER A 80 -2.61 10.57 9.21
CA SER A 80 -1.89 9.56 8.44
C SER A 80 -2.52 9.43 7.06
N LYS A 81 -1.84 8.73 6.19
CA LYS A 81 -2.49 8.20 5.00
C LYS A 81 -3.71 7.37 5.47
N PRO A 82 -4.88 7.52 4.82
CA PRO A 82 -5.97 6.62 5.12
C PRO A 82 -5.78 5.36 4.28
N VAL A 83 -5.97 4.19 4.90
CA VAL A 83 -5.63 2.91 4.26
C VAL A 83 -6.83 2.02 4.22
N VAL A 84 -7.29 1.70 3.01
CA VAL A 84 -8.46 0.88 2.83
C VAL A 84 -8.06 -0.58 2.77
N TYR A 85 -8.90 -1.45 3.31
CA TYR A 85 -8.70 -2.88 3.19
C TYR A 85 -10.08 -3.52 3.00
N ILE A 86 -10.13 -4.62 2.27
CA ILE A 86 -11.40 -5.26 2.05
C ILE A 86 -11.53 -6.47 2.97
N ASN A 87 -12.55 -6.41 3.83
CA ASN A 87 -12.88 -7.53 4.66
C ASN A 87 -13.25 -8.76 3.78
N THR A 88 -13.18 -9.94 4.39
CA THR A 88 -13.43 -11.18 3.64
C THR A 88 -14.93 -11.38 3.28
N ASP A 89 -15.80 -10.53 3.77
CA ASP A 89 -17.22 -10.49 3.32
C ASP A 89 -17.43 -9.34 2.31
N GLY A 90 -16.34 -8.72 1.88
CA GLY A 90 -16.36 -7.67 0.88
C GLY A 90 -16.59 -6.25 1.34
N ARG A 91 -16.89 -6.06 2.62
CA ARG A 91 -17.06 -4.72 3.18
C ARG A 91 -15.72 -3.99 3.24
N LEU A 92 -15.66 -2.80 2.61
CA LEU A 92 -14.49 -1.92 2.72
C LEU A 92 -14.39 -1.35 4.14
N GLU A 93 -13.16 -1.19 4.58
CA GLU A 93 -12.84 -0.58 5.87
C GLU A 93 -11.56 0.28 5.73
N VAL A 94 -11.60 1.49 6.31
CA VAL A 94 -10.56 2.47 6.19
C VAL A 94 -9.99 2.71 7.57
N PHE A 95 -8.68 2.64 7.64
CA PHE A 95 -7.91 2.85 8.86
C PHE A 95 -7.05 4.10 8.71
N ALA A 96 -7.08 4.94 9.74
CA ALA A 96 -6.25 6.16 9.78
C ALA A 96 -5.91 6.56 11.22
N ARG A 97 -4.76 7.20 11.38
CA ARG A 97 -4.43 7.85 12.64
C ARG A 97 -5.23 9.15 12.79
N GLY A 98 -5.74 9.41 13.99
CA GLY A 98 -6.47 10.64 14.31
C GLY A 98 -5.53 11.74 14.75
N THR A 99 -6.08 12.93 14.99
CA THR A 99 -5.30 14.07 15.49
C THR A 99 -4.87 13.85 16.94
N ASP A 100 -5.60 12.99 17.66
CA ASP A 100 -5.18 12.48 18.99
C ASP A 100 -4.10 11.37 18.97
N ASN A 101 -3.57 11.05 17.80
CA ASN A 101 -2.66 9.92 17.54
C ASN A 101 -3.20 8.49 17.82
N ALA A 102 -4.51 8.35 18.08
CA ALA A 102 -5.10 7.02 18.14
C ALA A 102 -5.35 6.47 16.72
N LEU A 103 -5.56 5.17 16.65
CA LEU A 103 -6.00 4.53 15.43
C LEU A 103 -7.51 4.64 15.40
N TRP A 104 -8.03 5.12 14.27
CA TRP A 104 -9.46 5.18 14.02
C TRP A 104 -9.81 4.30 12.80
N HIS A 105 -11.07 3.94 12.69
CA HIS A 105 -11.55 3.21 11.50
C HIS A 105 -13.00 3.53 11.23
N ILE A 106 -13.41 3.24 10.00
CA ILE A 106 -14.76 3.42 9.48
C ILE A 106 -14.95 2.29 8.43
N TRP A 107 -16.16 1.75 8.34
CA TRP A 107 -16.42 0.57 7.51
C TRP A 107 -17.77 0.70 6.82
N GLN A 108 -17.92 0.01 5.70
CA GLN A 108 -19.22 -0.17 5.11
C GLN A 108 -20.04 -1.05 6.02
N THR A 109 -21.28 -0.68 6.24
CA THR A 109 -22.15 -1.51 7.07
C THR A 109 -22.69 -2.72 6.30
N ALA A 110 -22.61 -2.70 4.97
CA ALA A 110 -22.94 -3.86 4.17
C ALA A 110 -22.20 -3.70 2.86
N THR A 111 -21.89 -4.81 2.22
CA THR A 111 -21.00 -4.83 1.04
C THR A 111 -21.30 -3.78 -0.08
N ASN A 112 -22.58 -3.57 -0.40
CA ASN A 112 -22.93 -2.48 -1.39
C ASN A 112 -23.81 -1.40 -0.77
N ALA A 113 -23.28 -0.82 0.30
CA ALA A 113 -24.08 0.11 1.08
C ALA A 113 -23.19 1.20 1.68
N GLY A 114 -23.70 1.88 2.69
CA GLY A 114 -23.08 3.09 3.18
C GLY A 114 -22.09 2.80 4.24
N TRP A 115 -21.67 3.85 4.94
CA TRP A 115 -20.56 3.76 5.88
C TRP A 115 -21.03 3.98 7.30
N SER A 116 -20.32 3.36 8.23
CA SER A 116 -20.48 3.63 9.66
C SER A 116 -19.97 5.03 9.94
N ASN A 117 -20.04 5.41 11.21
CA ASN A 117 -19.27 6.53 11.71
C ASN A 117 -17.86 6.09 12.05
N TRP A 118 -16.96 7.06 12.11
CA TRP A 118 -15.61 6.82 12.60
C TRP A 118 -15.67 6.36 14.06
N GLN A 119 -14.87 5.35 14.37
CA GLN A 119 -14.76 4.84 15.74
C GLN A 119 -13.25 4.69 16.08
N SER A 120 -12.90 4.95 17.34
CA SER A 120 -11.51 4.90 17.80
C SER A 120 -11.20 3.50 18.25
N LEU A 121 -10.03 3.01 17.85
CA LEU A 121 -9.44 1.79 18.42
C LEU A 121 -8.34 2.13 19.44
N GLY A 122 -8.24 3.40 19.82
CA GLY A 122 -7.30 3.78 20.87
C GLY A 122 -5.86 3.65 20.46
N GLY A 123 -5.01 3.43 21.46
CA GLY A 123 -3.54 3.46 21.24
C GLY A 123 -2.93 4.82 20.94
N VAL A 124 -1.60 4.85 20.83
CA VAL A 124 -0.86 5.99 20.30
C VAL A 124 0.06 5.47 19.26
N ILE A 125 -0.11 5.94 18.03
CA ILE A 125 0.66 5.42 16.92
C ILE A 125 1.38 6.55 16.23
N THR A 126 2.48 6.19 15.55
CA THR A 126 3.44 7.11 14.95
C THR A 126 3.81 6.74 13.51
N SER A 127 2.98 5.89 12.88
CA SER A 127 3.09 5.57 11.46
C SER A 127 1.72 5.43 10.81
N ASN A 128 1.70 5.31 9.51
CA ASN A 128 0.50 4.83 8.82
C ASN A 128 0.17 3.40 9.33
N PRO A 129 -1.13 3.04 9.36
CA PRO A 129 -1.47 1.68 9.72
C PRO A 129 -1.27 0.73 8.51
N ALA A 130 -0.96 -0.52 8.81
CA ALA A 130 -0.78 -1.56 7.77
C ALA A 130 -1.70 -2.70 8.13
N ILE A 131 -2.46 -3.21 7.14
CA ILE A 131 -3.52 -4.15 7.45
C ILE A 131 -3.44 -5.39 6.57
N TYR A 132 -3.80 -6.53 7.15
CA TYR A 132 -3.98 -7.75 6.39
C TYR A 132 -4.96 -8.65 7.12
N ALA A 133 -5.68 -9.47 6.34
CA ALA A 133 -6.53 -10.54 6.86
C ALA A 133 -5.76 -11.77 7.19
N ASN A 134 -5.91 -12.26 8.41
CA ASN A 134 -5.49 -13.61 8.75
C ASN A 134 -6.30 -14.65 7.96
N THR A 135 -5.85 -15.90 7.95
CA THR A 135 -6.52 -16.96 7.19
C THR A 135 -7.94 -17.22 7.71
N ASP A 136 -8.22 -16.77 8.92
CA ASP A 136 -9.52 -16.96 9.57
C ASP A 136 -10.46 -15.77 9.40
N GLY A 137 -10.11 -14.86 8.49
CA GLY A 137 -10.88 -13.64 8.21
C GLY A 137 -10.72 -12.48 9.18
N ARG A 138 -9.87 -12.61 10.21
CA ARG A 138 -9.69 -11.55 11.23
C ARG A 138 -8.65 -10.56 10.75
N LEU A 139 -9.07 -9.33 10.50
CA LEU A 139 -8.13 -8.26 10.14
C LEU A 139 -7.17 -8.03 11.31
N GLU A 140 -5.92 -7.78 10.99
CA GLU A 140 -4.90 -7.43 11.98
C GLU A 140 -4.19 -6.20 11.45
N VAL A 141 -4.02 -5.22 12.34
CA VAL A 141 -3.55 -3.89 11.96
C VAL A 141 -2.24 -3.70 12.71
N PHE A 142 -1.25 -3.20 12.00
CA PHE A 142 0.10 -2.99 12.51
C PHE A 142 0.42 -1.50 12.41
N ALA A 143 1.06 -0.97 13.44
CA ALA A 143 1.48 0.42 13.42
C ALA A 143 2.63 0.66 14.40
N ARG A 144 3.45 1.65 14.07
CA ARG A 144 4.56 2.05 14.96
C ARG A 144 4.01 2.79 16.18
N GLY A 145 4.73 2.69 17.30
CA GLY A 145 4.38 3.36 18.56
C GLY A 145 5.32 4.50 18.93
N ALA A 146 5.11 5.07 20.09
CA ALA A 146 5.90 6.25 20.50
C ALA A 146 7.42 5.98 20.73
N ASP A 147 7.81 4.73 21.03
CA ASP A 147 9.24 4.33 21.12
C ASP A 147 9.76 3.67 19.84
N ASN A 148 8.99 3.78 18.77
CA ASN A 148 9.32 3.26 17.48
C ASN A 148 9.32 1.72 17.34
N ALA A 149 8.73 1.03 18.31
CA ALA A 149 8.42 -0.40 18.19
C ALA A 149 7.17 -0.59 17.31
N LEU A 150 6.94 -1.83 16.91
CA LEU A 150 5.78 -2.21 16.12
C LEU A 150 4.71 -2.79 17.04
N TRP A 151 3.48 -2.33 16.87
CA TRP A 151 2.35 -2.80 17.67
C TRP A 151 1.28 -3.35 16.73
N HIS A 152 0.35 -4.14 17.28
CA HIS A 152 -0.71 -4.75 16.50
C HIS A 152 -1.95 -4.94 17.35
N ILE A 153 -3.08 -4.98 16.64
CA ILE A 153 -4.41 -5.16 17.21
C ILE A 153 -5.23 -5.88 16.15
N SER A 154 -6.25 -6.62 16.56
CA SER A 154 -7.03 -7.35 15.55
C SER A 154 -8.51 -7.52 15.85
N GLN A 155 -9.29 -7.76 14.79
CA GLN A 155 -10.65 -8.26 14.98
C GLN A 155 -10.61 -9.57 15.78
N THR A 156 -11.59 -9.80 16.65
CA THR A 156 -11.65 -11.06 17.43
C THR A 156 -12.41 -12.18 16.72
N THR A 157 -13.26 -11.85 15.75
CA THR A 157 -13.95 -12.84 14.91
C THR A 157 -13.90 -12.36 13.49
N ALA A 158 -14.24 -13.24 12.55
CA ALA A 158 -14.05 -12.88 11.15
C ALA A 158 -14.79 -11.59 10.76
N HIS A 159 -14.08 -10.67 10.12
CA HIS A 159 -14.58 -9.33 9.74
C HIS A 159 -15.47 -8.68 10.79
N SER A 160 -15.05 -8.74 12.04
CA SER A 160 -15.87 -8.17 13.11
C SER A 160 -15.15 -7.81 14.36
N GLY A 161 -15.53 -6.67 14.91
CA GLY A 161 -15.26 -6.40 16.31
C GLY A 161 -16.03 -7.37 17.22
N PRO A 162 -15.77 -7.33 18.53
CA PRO A 162 -14.82 -6.41 19.14
C PRO A 162 -13.39 -6.68 18.76
N TRP A 163 -12.56 -5.67 18.98
CA TRP A 163 -11.14 -5.77 18.69
C TRP A 163 -10.37 -6.22 19.94
N SER A 164 -9.21 -6.83 19.74
CA SER A 164 -8.35 -7.28 20.82
C SER A 164 -7.71 -6.08 21.48
N SER A 165 -6.86 -6.27 22.46
CA SER A 165 -6.15 -5.11 22.99
C SER A 165 -4.79 -5.03 22.30
N TRP A 166 -4.19 -3.85 22.32
CA TRP A 166 -2.96 -3.60 21.59
C TRP A 166 -1.81 -4.38 22.25
N ALA A 167 -0.83 -4.82 21.47
CA ALA A 167 0.37 -5.51 21.98
C ALA A 167 1.55 -5.16 21.09
N SER A 168 2.77 -5.30 21.60
CA SER A 168 3.97 -4.90 20.84
C SER A 168 4.74 -6.13 20.37
N LEU A 169 5.26 -6.04 19.16
CA LEU A 169 6.28 -6.94 18.64
C LEU A 169 7.69 -6.33 18.68
N ASN A 170 7.87 -5.25 19.45
CA ASN A 170 9.19 -4.65 19.63
C ASN A 170 9.80 -4.15 18.35
N GLY A 171 11.13 -4.13 18.30
CA GLY A 171 11.86 -3.61 17.15
C GLY A 171 12.01 -2.11 17.35
N VAL A 172 12.78 -1.53 16.45
CA VAL A 172 12.94 -0.10 16.35
C VAL A 172 12.86 0.23 14.86
N ILE A 173 11.80 0.92 14.46
CA ILE A 173 11.62 1.13 13.02
C ILE A 173 11.53 2.58 12.64
N THR A 174 11.99 2.86 11.41
CA THR A 174 12.15 4.20 10.88
C THR A 174 11.45 4.38 9.53
N SER A 175 10.53 3.47 9.19
CA SER A 175 9.67 3.66 8.02
C SER A 175 8.26 3.23 8.41
N ASN A 176 7.27 3.52 7.58
CA ASN A 176 5.97 2.90 7.79
C ASN A 176 6.14 1.37 7.67
N PRO A 177 5.38 0.59 8.44
CA PRO A 177 5.45 -0.87 8.27
C PRO A 177 4.62 -1.34 7.07
N THR A 178 4.98 -2.51 6.50
CA THR A 178 4.21 -3.16 5.46
C THR A 178 4.01 -4.62 5.85
N VAL A 179 2.77 -5.11 5.68
CA VAL A 179 2.40 -6.50 6.01
C VAL A 179 1.88 -7.22 4.76
N HIS A 180 2.18 -8.51 4.67
CA HIS A 180 1.64 -9.35 3.61
C HIS A 180 1.61 -10.75 4.16
N ILE A 181 0.60 -11.49 3.73
CA ILE A 181 0.47 -12.88 4.12
C ILE A 181 1.32 -13.71 3.16
N ASN A 182 2.04 -14.68 3.73
CA ASN A 182 2.68 -15.76 2.97
C ASN A 182 1.67 -16.68 2.30
N SER A 183 2.15 -17.39 1.29
CA SER A 183 1.34 -18.35 0.58
C SER A 183 0.89 -19.54 1.42
N ASP A 184 1.40 -19.68 2.66
CA ASP A 184 0.94 -20.64 3.65
C ASP A 184 0.16 -20.02 4.83
N GLY A 185 -0.24 -18.77 4.69
CA GLY A 185 -1.15 -18.15 5.65
C GLY A 185 -0.47 -17.41 6.77
N ARG A 186 0.86 -17.36 6.78
CA ARG A 186 1.61 -16.68 7.87
C ARG A 186 1.82 -15.21 7.53
N LEU A 187 1.33 -14.32 8.39
CA LEU A 187 1.55 -12.89 8.23
C LEU A 187 3.04 -12.56 8.42
N GLU A 188 3.48 -11.58 7.68
CA GLU A 188 4.88 -11.14 7.76
C GLU A 188 4.96 -9.63 7.55
N VAL A 189 5.71 -8.98 8.45
CA VAL A 189 5.78 -7.54 8.46
C VAL A 189 7.22 -7.11 8.15
N PHE A 190 7.34 -6.08 7.34
CA PHE A 190 8.60 -5.48 6.88
C PHE A 190 8.66 -4.01 7.24
N ALA A 191 9.86 -3.53 7.56
CA ALA A 191 10.05 -2.16 7.96
C ALA A 191 11.54 -1.81 7.93
N ARG A 192 11.85 -0.56 7.68
CA ARG A 192 13.26 -0.08 7.76
C ARG A 192 13.67 0.01 9.23
N GLY A 193 14.93 -0.32 9.52
CA GLY A 193 15.48 -0.23 10.90
C GLY A 193 16.29 1.06 11.11
N THR A 194 16.82 1.28 12.30
CA THR A 194 17.58 2.55 12.62
C THR A 194 18.78 2.74 11.71
N ASP A 195 19.36 1.59 11.33
CA ASP A 195 20.49 1.48 10.40
C ASP A 195 20.14 1.53 8.91
N ASN A 196 18.88 1.77 8.58
CA ASN A 196 18.40 1.84 7.17
C ASN A 196 18.36 0.53 6.39
N ALA A 197 18.63 -0.57 7.07
CA ALA A 197 18.44 -1.87 6.49
C ALA A 197 16.94 -2.22 6.54
N LEU A 198 16.58 -3.22 5.76
CA LEU A 198 15.23 -3.80 5.75
C LEU A 198 15.18 -4.89 6.77
N TRP A 199 14.23 -4.81 7.72
CA TRP A 199 13.99 -5.84 8.73
C TRP A 199 12.61 -6.47 8.51
N HIS A 200 12.45 -7.71 8.97
CA HIS A 200 11.16 -8.39 8.94
C HIS A 200 10.95 -9.28 10.12
N ILE A 201 9.69 -9.64 10.30
CA ILE A 201 9.23 -10.45 11.38
C ILE A 201 7.96 -11.18 10.92
N TRP A 202 7.73 -12.39 11.40
CA TRP A 202 6.67 -13.26 10.81
C TRP A 202 5.99 -14.09 11.88
N GLN A 203 4.71 -14.34 11.66
CA GLN A 203 4.01 -15.39 12.35
C GLN A 203 4.72 -16.71 12.14
N THR A 204 4.81 -17.53 13.18
CA THR A 204 5.31 -18.90 13.01
C THR A 204 4.17 -19.85 12.74
N ALA A 205 2.92 -19.44 12.96
CA ALA A 205 1.75 -20.21 12.58
C ALA A 205 0.65 -19.21 12.20
N PRO A 206 -0.18 -19.53 11.21
CA PRO A 206 -1.33 -18.64 10.89
C PRO A 206 -2.25 -18.40 12.09
N ASP A 207 -3.00 -17.29 12.06
CA ASP A 207 -4.04 -16.99 13.03
C ASP A 207 -3.49 -16.93 14.46
N SER A 208 -2.23 -16.58 14.65
CA SER A 208 -1.67 -16.70 15.98
C SER A 208 -1.00 -15.44 16.43
N ASN A 209 -0.66 -15.44 17.70
CA ASN A 209 0.23 -14.47 18.26
C ASN A 209 1.64 -15.01 18.49
N LEU A 210 2.03 -15.99 17.69
CA LEU A 210 3.35 -16.63 17.83
C LEU A 210 4.17 -16.05 16.73
N TRP A 211 5.07 -15.17 17.10
CA TRP A 211 5.87 -14.46 16.13
C TRP A 211 7.35 -14.76 16.32
N SER A 212 8.11 -14.69 15.23
CA SER A 212 9.56 -14.77 15.27
C SER A 212 10.20 -13.58 15.99
N SER A 213 11.52 -13.63 16.12
CA SER A 213 12.30 -12.43 16.36
C SER A 213 12.37 -11.62 15.10
N TRP A 214 12.61 -10.32 15.26
CA TRP A 214 13.00 -9.45 14.16
C TRP A 214 14.31 -9.95 13.57
N GLU A 215 14.46 -9.93 12.24
CA GLU A 215 15.68 -10.37 11.53
CA GLU A 215 15.70 -10.32 11.59
C GLU A 215 16.01 -9.39 10.44
N SER A 216 17.30 -9.16 10.16
CA SER A 216 17.67 -8.20 9.13
C SER A 216 17.83 -8.83 7.78
N LEU A 217 17.38 -8.13 6.76
CA LEU A 217 17.64 -8.49 5.38
C LEU A 217 18.66 -7.53 4.80
N ASN A 218 19.35 -6.77 5.66
CA ASN A 218 20.42 -5.87 5.23
C ASN A 218 19.97 -4.87 4.19
N GLY A 219 20.85 -4.48 3.27
CA GLY A 219 20.58 -3.45 2.28
C GLY A 219 20.53 -2.08 2.91
N ILE A 220 20.35 -1.06 2.08
CA ILE A 220 20.19 0.33 2.55
C ILE A 220 19.00 0.87 1.78
N ILE A 221 17.92 1.16 2.50
CA ILE A 221 16.70 1.61 1.83
C ILE A 221 16.31 3.00 2.21
N THR A 222 15.80 3.74 1.24
CA THR A 222 15.39 5.13 1.39
C THR A 222 13.92 5.35 0.98
N SER A 223 13.15 4.26 0.95
CA SER A 223 11.67 4.35 0.88
C SER A 223 11.08 3.30 1.80
N ASP A 224 9.77 3.44 2.01
CA ASP A 224 8.99 2.36 2.60
C ASP A 224 9.13 1.13 1.73
N PRO A 225 9.09 -0.05 2.36
CA PRO A 225 9.09 -1.27 1.57
C PRO A 225 7.72 -1.55 0.91
N VAL A 226 7.74 -2.13 -0.29
CA VAL A 226 6.53 -2.53 -1.01
C VAL A 226 6.62 -4.05 -1.18
N VAL A 227 5.58 -4.76 -0.79
CA VAL A 227 5.66 -6.24 -0.75
C VAL A 227 4.59 -6.91 -1.60
N ILE A 228 4.97 -7.90 -2.39
CA ILE A 228 3.99 -8.67 -3.14
C ILE A 228 4.26 -10.16 -2.87
N ASP A 229 3.25 -10.99 -3.13
CA ASP A 229 3.43 -12.42 -3.16
C ASP A 229 3.41 -12.83 -4.63
N THR A 230 4.49 -13.42 -5.12
CA THR A 230 4.56 -13.76 -6.56
C THR A 230 3.59 -14.90 -6.91
N ALA A 231 3.43 -15.17 -8.20
CA ALA A 231 2.62 -16.30 -8.68
C ALA A 231 3.08 -17.64 -8.16
N ASP A 232 4.38 -17.77 -7.84
CA ASP A 232 4.85 -19.03 -7.28
C ASP A 232 4.99 -19.00 -5.75
N GLY A 233 4.28 -18.09 -5.10
CA GLY A 233 4.14 -18.11 -3.65
C GLY A 233 5.31 -17.56 -2.86
N ARG A 234 6.19 -16.77 -3.49
CA ARG A 234 7.35 -16.13 -2.79
C ARG A 234 7.08 -14.67 -2.46
N LEU A 235 7.27 -14.27 -1.20
CA LEU A 235 7.25 -12.86 -0.88
C LEU A 235 8.44 -12.19 -1.58
N GLU A 236 8.20 -10.98 -2.04
CA GLU A 236 9.20 -10.18 -2.75
C GLU A 236 9.00 -8.73 -2.33
N VAL A 237 10.11 -8.08 -1.97
CA VAL A 237 10.10 -6.73 -1.44
C VAL A 237 10.86 -5.79 -2.36
N PHE A 238 10.26 -4.64 -2.64
CA PHE A 238 10.86 -3.58 -3.44
C PHE A 238 11.07 -2.35 -2.56
N ALA A 239 12.16 -1.63 -2.82
CA ALA A 239 12.46 -0.44 -2.06
C ALA A 239 13.45 0.42 -2.83
N ARG A 240 13.37 1.73 -2.66
CA ARG A 240 14.40 2.61 -3.19
C ARG A 240 15.66 2.39 -2.36
N GLY A 241 16.81 2.34 -3.04
CA GLY A 241 18.13 2.26 -2.38
C GLY A 241 18.79 3.60 -2.10
N ALA A 242 19.91 3.56 -1.37
CA ALA A 242 20.80 4.75 -1.15
C ALA A 242 21.10 5.56 -2.41
N ASP A 243 21.37 4.85 -3.50
CA ASP A 243 21.63 5.43 -4.83
C ASP A 243 20.39 5.87 -5.64
N ASN A 244 19.22 5.92 -4.99
CA ASN A 244 17.94 6.19 -5.66
C ASN A 244 17.58 5.31 -6.90
N ALA A 245 18.17 4.12 -6.97
CA ALA A 245 17.71 3.09 -7.90
C ALA A 245 16.63 2.26 -7.17
N LEU A 246 15.87 1.49 -7.93
CA LEU A 246 14.90 0.54 -7.37
C LEU A 246 15.55 -0.79 -7.12
N TRP A 247 15.52 -1.29 -5.89
CA TRP A 247 16.03 -2.60 -5.57
C TRP A 247 14.90 -3.56 -5.17
N HIS A 248 15.21 -4.84 -5.23
CA HIS A 248 14.30 -5.90 -4.78
C HIS A 248 15.03 -7.06 -4.22
N ILE A 249 14.29 -7.88 -3.47
CA ILE A 249 14.81 -9.07 -2.80
C ILE A 249 13.61 -10.00 -2.56
N TRP A 250 13.85 -11.29 -2.46
CA TRP A 250 12.76 -12.27 -2.36
C TRP A 250 13.11 -13.52 -1.61
N GLN A 251 12.07 -14.18 -1.11
CA GLN A 251 12.16 -15.54 -0.64
C GLN A 251 12.59 -16.44 -1.80
N THR A 252 13.51 -17.37 -1.58
CA THR A 252 14.02 -18.27 -2.67
C THR A 252 13.16 -19.49 -2.89
N ILE A 253 12.41 -19.89 -1.86
CA ILE A 253 11.38 -20.91 -2.05
C ILE A 253 10.04 -20.46 -1.45
N SER A 254 8.97 -21.12 -1.84
CA SER A 254 7.61 -20.65 -1.51
C SER A 254 7.47 -20.52 0.00
N HIS A 255 6.99 -19.35 0.44
CA HIS A 255 6.81 -19.00 1.87
C HIS A 255 7.94 -19.37 2.77
N SER A 256 9.18 -19.22 2.32
CA SER A 256 10.33 -19.56 3.16
C SER A 256 11.63 -18.89 2.77
N GLY A 257 12.45 -18.60 3.79
CA GLY A 257 13.86 -18.30 3.55
C GLY A 257 14.57 -19.57 3.08
N PRO A 258 15.81 -19.49 2.63
CA PRO A 258 16.58 -18.26 2.66
C PRO A 258 16.12 -17.25 1.65
N TRP A 259 16.37 -15.99 1.95
CA TRP A 259 16.16 -14.91 1.03
C TRP A 259 17.29 -14.79 0.01
N SER A 260 16.98 -14.13 -1.09
CA SER A 260 17.90 -13.87 -2.17
C SER A 260 18.84 -12.75 -1.79
N GLY A 261 19.80 -12.45 -2.66
CA GLY A 261 20.55 -11.22 -2.48
C GLY A 261 19.67 -10.06 -2.90
N TRP A 262 19.90 -8.89 -2.32
CA TRP A 262 19.41 -7.66 -2.92
C TRP A 262 19.87 -7.56 -4.37
N GLN A 263 18.98 -7.17 -5.26
CA GLN A 263 19.34 -7.03 -6.66
C GLN A 263 18.78 -5.71 -7.21
N SER A 264 19.54 -5.00 -8.04
CA SER A 264 19.09 -3.70 -8.55
C SER A 264 18.25 -3.83 -9.81
N LEU A 265 17.17 -3.05 -9.88
CA LEU A 265 16.40 -2.89 -11.09
C LEU A 265 16.69 -1.51 -11.70
N ASN A 266 17.76 -0.86 -11.22
CA ASN A 266 18.28 0.40 -11.78
C ASN A 266 17.28 1.52 -11.61
N GLY A 267 17.30 2.48 -12.54
CA GLY A 267 16.47 3.67 -12.52
C GLY A 267 17.06 4.71 -11.59
N VAL A 268 16.57 5.94 -11.72
CA VAL A 268 16.83 6.99 -10.74
C VAL A 268 15.47 7.54 -10.34
N ILE A 269 15.04 7.28 -9.11
CA ILE A 269 13.64 7.57 -8.74
C ILE A 269 13.50 8.54 -7.60
N THR A 270 12.52 9.45 -7.75
CA THR A 270 12.29 10.54 -6.83
C THR A 270 10.97 10.39 -6.01
N SER A 271 10.49 9.14 -5.89
CA SER A 271 9.32 8.84 -5.05
C SER A 271 9.39 7.39 -4.66
N ALA A 272 8.52 6.98 -3.75
CA ALA A 272 8.35 5.57 -3.45
C ALA A 272 7.96 4.83 -4.72
N PRO A 273 8.34 3.54 -4.83
CA PRO A 273 7.86 2.68 -5.90
C PRO A 273 6.44 2.14 -5.62
N ALA A 274 5.64 1.96 -6.66
CA ALA A 274 4.43 1.12 -6.57
C ALA A 274 4.61 -0.08 -7.48
N VAL A 275 4.14 -1.25 -7.03
CA VAL A 275 4.27 -2.49 -7.79
C VAL A 275 2.90 -3.18 -7.89
N ALA A 276 2.55 -3.67 -9.09
CA ALA A 276 1.33 -4.41 -9.32
C ALA A 276 1.63 -5.55 -10.27
N LYS A 277 0.69 -6.49 -10.36
CA LYS A 277 0.79 -7.67 -11.20
C LYS A 277 -0.10 -7.43 -12.38
N ASN A 278 0.45 -7.60 -13.58
CA ASN A 278 -0.38 -7.73 -14.77
C ASN A 278 -1.26 -8.99 -14.66
N CYS A 279 -2.27 -9.16 -15.51
CA CYS A 279 -3.15 -10.32 -15.33
C CYS A 279 -2.43 -11.65 -15.62
N ASP A 280 -1.37 -11.62 -16.41
CA ASP A 280 -0.49 -12.77 -16.57
C ASP A 280 0.58 -12.92 -15.50
N ASN A 281 0.51 -12.12 -14.44
CA ASN A 281 1.38 -12.20 -13.27
C ASN A 281 2.78 -11.59 -13.43
N ARG A 282 3.06 -11.03 -14.60
CA ARG A 282 4.22 -10.16 -14.80
C ARG A 282 4.13 -8.96 -13.86
N LEU A 283 5.13 -8.82 -13.00
CA LEU A 283 5.25 -7.70 -12.11
C LEU A 283 5.65 -6.44 -12.89
N GLU A 284 5.15 -5.31 -12.40
CA GLU A 284 5.45 -4.02 -12.98
C GLU A 284 5.60 -3.02 -11.84
N ALA A 285 6.71 -2.27 -11.84
CA ALA A 285 7.01 -1.24 -10.86
C ALA A 285 6.87 0.16 -11.49
N PHE A 286 6.39 1.10 -10.71
CA PHE A 286 6.16 2.45 -11.14
C PHE A 286 6.80 3.36 -10.12
N ALA A 287 7.25 4.51 -10.58
CA ALA A 287 7.85 5.51 -9.68
C ALA A 287 8.02 6.84 -10.43
N ARG A 288 8.12 7.93 -9.66
CA ARG A 288 8.45 9.24 -10.23
C ARG A 288 9.93 9.26 -10.65
N GLY A 289 10.19 9.89 -11.80
CA GLY A 289 11.57 10.07 -12.30
C GLY A 289 12.22 11.39 -11.91
N THR A 290 13.51 11.53 -12.23
CA THR A 290 14.24 12.83 -12.01
C THR A 290 13.61 13.99 -12.76
N ASP A 291 13.00 13.72 -13.91
CA ASP A 291 12.19 14.73 -14.65
C ASP A 291 10.72 14.93 -14.14
N ASN A 292 10.38 14.36 -12.98
CA ASN A 292 9.01 14.35 -12.39
C ASN A 292 7.84 13.74 -13.18
N ALA A 293 8.17 13.02 -14.25
CA ALA A 293 7.24 12.17 -14.96
C ALA A 293 7.09 10.82 -14.24
N LEU A 294 6.06 10.09 -14.62
CA LEU A 294 5.89 8.70 -14.18
C LEU A 294 6.74 7.83 -15.06
N TRP A 295 7.62 7.05 -14.45
CA TRP A 295 8.35 5.99 -15.16
C TRP A 295 7.90 4.59 -14.71
N HIS A 296 8.15 3.59 -15.55
CA HIS A 296 7.90 2.19 -15.19
C HIS A 296 8.85 1.17 -15.82
N THR A 297 8.90 0.01 -15.18
CA THR A 297 9.64 -1.14 -15.63
C THR A 297 8.81 -2.39 -15.29
N TRP A 298 8.84 -3.38 -16.18
CA TRP A 298 7.99 -4.58 -16.06
C TRP A 298 8.79 -5.78 -16.41
N GLN A 299 8.44 -6.93 -15.84
CA GLN A 299 8.94 -8.21 -16.34
C GLN A 299 8.39 -8.43 -17.74
N THR A 300 9.22 -9.00 -18.62
CA THR A 300 8.84 -9.32 -20.02
C THR A 300 8.49 -10.79 -20.18
N VAL A 301 7.64 -11.07 -21.18
CA VAL A 301 7.22 -12.42 -21.57
C VAL A 301 6.34 -13.14 -20.52
N SER A 302 6.87 -13.36 -19.30
CA SER A 302 6.10 -14.03 -18.25
C SER A 302 6.51 -13.57 -16.86
N HIS A 303 5.86 -14.13 -15.83
CA HIS A 303 6.21 -13.86 -14.41
C HIS A 303 7.57 -14.33 -13.99
N SER A 304 8.28 -15.11 -14.79
CA SER A 304 9.69 -15.42 -14.42
C SER A 304 10.70 -14.75 -15.35
N GLY A 305 10.24 -13.80 -16.15
CA GLY A 305 11.10 -13.16 -17.13
C GLY A 305 12.01 -12.07 -16.57
N PRO A 306 12.92 -11.54 -17.41
CA PRO A 306 13.77 -10.44 -17.02
C PRO A 306 13.04 -9.11 -17.15
N TRP A 307 13.57 -8.08 -16.50
CA TRP A 307 12.91 -6.78 -16.43
C TRP A 307 13.29 -5.87 -17.58
N SER A 308 12.33 -5.08 -18.05
CA SER A 308 12.54 -4.15 -19.12
C SER A 308 13.38 -3.00 -18.63
N SER A 309 13.84 -2.17 -19.55
CA SER A 309 14.46 -0.91 -19.17
C SER A 309 13.34 0.01 -18.69
N TRP A 310 13.69 1.01 -17.89
CA TRP A 310 12.71 2.00 -17.45
C TRP A 310 12.24 2.85 -18.61
N GLN A 311 10.94 3.12 -18.67
CA GLN A 311 10.33 3.89 -19.77
C GLN A 311 9.30 4.85 -19.20
N SER A 312 8.99 5.91 -19.95
CA SER A 312 8.26 7.05 -19.40
C SER A 312 6.80 7.02 -19.80
N LEU A 313 5.96 7.39 -18.83
CA LEU A 313 4.53 7.50 -19.04
C LEU A 313 4.12 8.96 -18.92
N ASN A 314 5.12 9.85 -18.92
CA ASN A 314 4.88 11.31 -18.97
C ASN A 314 4.19 11.85 -17.72
N GLY A 315 3.56 13.00 -17.82
CA GLY A 315 2.90 13.63 -16.68
C GLY A 315 3.92 14.38 -15.86
N VAL A 316 3.40 15.19 -14.95
CA VAL A 316 4.22 15.88 -13.98
C VAL A 316 3.54 15.63 -12.64
N ILE A 317 4.17 14.85 -11.78
CA ILE A 317 3.48 14.39 -10.61
C ILE A 317 4.22 14.80 -9.33
N THR A 318 3.42 14.95 -8.28
CA THR A 318 3.83 15.47 -6.99
C THR A 318 3.53 14.45 -5.88
N SER A 319 3.49 13.17 -6.23
CA SER A 319 3.40 12.08 -5.27
C SER A 319 4.00 10.86 -5.94
N ALA A 320 4.26 9.81 -5.17
CA ALA A 320 4.50 8.50 -5.82
C ALA A 320 3.23 8.08 -6.57
N PRO A 321 3.38 7.16 -7.53
CA PRO A 321 2.19 6.61 -8.14
C PRO A 321 1.55 5.50 -7.26
N THR A 322 0.28 5.24 -7.53
CA THR A 322 -0.50 4.14 -6.95
C THR A 322 -1.03 3.30 -8.11
N ALA A 323 -0.65 2.01 -8.14
CA ALA A 323 -1.01 1.12 -9.24
C ALA A 323 -1.99 0.05 -8.78
N VAL A 324 -2.91 -0.33 -9.67
CA VAL A 324 -3.89 -1.37 -9.33
C VAL A 324 -4.41 -1.99 -10.62
N ARG A 325 -4.77 -3.27 -10.58
CA ARG A 325 -5.32 -3.90 -11.77
C ARG A 325 -6.84 -3.88 -11.68
N ASP A 326 -7.48 -3.48 -12.76
CA ASP A 326 -8.91 -3.25 -12.77
C ASP A 326 -9.70 -4.50 -13.19
N ALA A 327 -11.01 -4.39 -13.36
CA ALA A 327 -11.89 -5.57 -13.66
C ALA A 327 -11.73 -6.09 -15.09
N ASP A 328 -11.15 -5.28 -15.97
CA ASP A 328 -10.79 -5.69 -17.35
C ASP A 328 -9.37 -6.26 -17.44
N GLY A 329 -8.69 -6.39 -16.31
CA GLY A 329 -7.33 -6.89 -16.26
C GLY A 329 -6.27 -5.91 -16.70
N ARG A 330 -6.59 -4.62 -16.69
CA ARG A 330 -5.61 -3.58 -17.06
C ARG A 330 -5.13 -2.88 -15.80
N LEU A 331 -3.84 -2.54 -15.81
CA LEU A 331 -3.26 -1.68 -14.79
C LEU A 331 -3.71 -0.25 -15.03
N GLU A 332 -4.15 0.37 -13.94
CA GLU A 332 -4.49 1.78 -13.88
C GLU A 332 -3.63 2.40 -12.84
N VAL A 333 -3.09 3.61 -13.12
CA VAL A 333 -2.14 4.26 -12.23
C VAL A 333 -2.59 5.67 -11.89
N PHE A 334 -2.53 6.01 -10.62
CA PHE A 334 -3.03 7.28 -10.11
C PHE A 334 -1.83 8.04 -9.59
N ALA A 335 -1.85 9.35 -9.76
CA ALA A 335 -0.83 10.20 -9.14
C ALA A 335 -1.32 11.64 -9.02
N ARG A 336 -0.79 12.33 -8.02
CA ARG A 336 -1.10 13.74 -7.82
C ARG A 336 -0.40 14.63 -8.84
N GLY A 337 -1.10 15.69 -9.27
CA GLY A 337 -0.52 16.69 -10.21
C GLY A 337 0.00 17.93 -9.51
N THR A 338 0.62 18.82 -10.28
CA THR A 338 1.17 20.07 -9.70
C THR A 338 0.03 20.93 -9.12
N ASP A 339 -1.17 20.83 -9.71
CA ASP A 339 -2.41 21.45 -9.19
C ASP A 339 -3.07 20.78 -7.97
N ASN A 340 -2.47 19.72 -7.43
CA ASN A 340 -3.06 18.82 -6.40
C ASN A 340 -4.31 18.01 -6.71
N ALA A 341 -4.68 17.95 -7.98
CA ALA A 341 -5.74 17.03 -8.37
C ALA A 341 -5.14 15.63 -8.50
N LEU A 342 -5.99 14.60 -8.47
CA LEU A 342 -5.54 13.23 -8.75
C LEU A 342 -5.71 12.97 -10.24
N TRP A 343 -4.65 12.56 -10.91
CA TRP A 343 -4.68 12.18 -12.32
C TRP A 343 -4.54 10.69 -12.46
N LEU A 344 -4.87 10.20 -13.66
CA LEU A 344 -5.02 8.79 -13.93
C LEU A 344 -4.66 8.43 -15.39
N THR A 345 -3.87 7.37 -15.54
CA THR A 345 -3.54 6.77 -16.84
C THR A 345 -3.60 5.24 -16.73
N TRP A 346 -3.95 4.57 -17.83
CA TRP A 346 -4.17 3.13 -17.82
C TRP A 346 -3.68 2.44 -19.09
N GLN A 347 -3.43 1.14 -18.99
CA GLN A 347 -2.99 0.37 -20.13
C GLN A 347 -4.13 0.29 -21.17
N THR A 348 -3.75 0.44 -22.44
CA THR A 348 -4.60 0.25 -23.61
C THR A 348 -4.00 -0.97 -24.31
N ALA A 349 -4.70 -1.55 -25.29
CA ALA A 349 -4.15 -2.70 -26.03
C ALA A 349 -2.74 -2.37 -26.53
N SER A 350 -2.63 -1.24 -27.25
CA SER A 350 -1.33 -0.74 -27.75
C SER A 350 -0.32 -0.35 -26.64
N SER A 351 -0.75 0.55 -25.76
CA SER A 351 0.16 1.45 -25.04
C SER A 351 -0.43 1.80 -23.65
N TRP A 352 -0.33 3.08 -23.25
CA TRP A 352 -1.04 3.69 -22.10
C TRP A 352 -1.83 4.91 -22.50
N SER A 353 -2.95 5.15 -21.84
CA SER A 353 -3.82 6.27 -22.19
C SER A 353 -3.20 7.62 -21.80
N PRO A 354 -3.66 8.73 -22.42
CA PRO A 354 -3.19 10.04 -21.96
C PRO A 354 -3.71 10.28 -20.54
N TRP A 355 -2.96 10.99 -19.70
CA TRP A 355 -3.41 11.34 -18.35
C TRP A 355 -4.76 12.09 -18.38
N ILE A 356 -5.69 11.70 -17.50
CA ILE A 356 -6.92 12.48 -17.30
C ILE A 356 -7.00 12.84 -15.84
N SER A 357 -7.73 13.91 -15.55
CA SER A 357 -7.87 14.43 -14.19
C SER A 357 -9.14 13.94 -13.55
N LEU A 358 -9.04 13.51 -12.30
CA LEU A 358 -10.21 13.18 -11.49
C LEU A 358 -10.53 14.32 -10.58
N GLY A 359 -9.79 15.43 -10.68
CA GLY A 359 -9.99 16.58 -9.82
C GLY A 359 -9.59 16.31 -8.38
N GLY A 360 -10.27 16.97 -7.47
CA GLY A 360 -9.94 16.96 -6.04
C GLY A 360 -8.76 17.83 -5.69
N VAL A 361 -8.57 18.03 -4.40
CA VAL A 361 -7.39 18.72 -3.92
C VAL A 361 -6.84 17.91 -2.74
N LEU A 362 -5.78 17.14 -3.02
CA LEU A 362 -5.27 16.16 -2.07
C LEU A 362 -3.96 16.59 -1.44
N ILE A 363 -3.82 16.31 -0.15
CA ILE A 363 -2.57 16.56 0.56
C ILE A 363 -1.88 15.26 0.91
N ASP A 364 -0.57 15.35 1.17
CA ASP A 364 0.20 14.24 1.66
C ASP A 364 0.09 14.28 3.15
N ALA A 365 -0.64 13.33 3.70
CA ALA A 365 -0.91 13.24 5.12
C ALA A 365 -0.09 12.13 5.80
N SER A 366 0.90 11.56 5.11
CA SER A 366 1.65 10.41 5.64
C SER A 366 2.23 10.74 7.02
N ALA A 367 2.05 9.81 7.97
CA ALA A 367 2.57 9.96 9.35
C ALA A 367 4.11 9.92 9.46
N ILE A 368 4.76 9.34 8.47
CA ILE A 368 6.22 9.39 8.35
C ILE A 368 6.52 9.94 6.96
N LYS A 369 7.27 11.04 6.91
CA LYS A 369 7.70 11.63 5.67
C LYS A 369 9.21 11.58 5.53
C1 GAL B . -14.80 -3.32 12.18
C1 GAL B . -15.09 -3.41 12.23
C2 GAL B . -15.84 -4.23 11.54
C2 GAL B . -16.08 -4.31 11.45
C3 GAL B . -17.20 -3.62 11.87
C3 GAL B . -17.49 -3.88 11.74
C4 GAL B . -17.33 -3.38 13.37
C4 GAL B . -17.73 -3.70 13.23
C5 GAL B . -16.16 -2.60 13.96
C5 GAL B . -16.67 -2.80 13.85
C6 GAL B . -16.28 -2.54 15.49
C6 GAL B . -16.86 -2.57 15.36
O1 GAL B . -13.49 -3.82 11.89
O1 GAL B . -13.77 -3.89 12.03
O2 GAL B . -15.68 -4.27 10.09
O2 GAL B . -15.81 -4.20 10.04
O3 GAL B . -18.24 -4.46 11.38
O3 GAL B . -18.37 -4.89 11.23
O4 GAL B . -17.34 -4.61 14.09
O4 GAL B . -17.66 -5.00 13.84
O5 GAL B . -14.97 -3.27 13.58
O5 GAL B . -15.41 -3.42 13.60
O6 GAL B . -17.62 -2.12 15.86
O6 GAL B . -15.63 -2.83 16.04
C1 GAL C . 10.74 -15.84 6.43
C1 GAL C . 10.62 -15.26 6.14
C2 GAL C . 9.74 -16.97 6.62
C2 GAL C . 9.81 -16.54 6.09
C3 GAL C . 10.17 -17.80 7.83
C3 GAL C . 10.17 -17.35 7.33
C4 GAL C . 11.63 -18.26 7.69
C4 GAL C . 11.70 -17.48 7.48
C5 GAL C . 12.51 -17.01 7.46
C5 GAL C . 12.45 -16.15 7.32
C6 GAL C . 14.02 -17.28 7.34
C6 GAL C . 13.97 -16.37 7.30
O1 GAL C . 10.38 -15.07 5.30
O1 GAL C . 10.36 -14.48 5.00
O2 GAL C . 8.42 -16.45 6.84
O2 GAL C . 8.40 -16.29 6.08
O3 GAL C . 9.24 -18.88 8.06
O3 GAL C . 9.50 -18.62 7.27
O4 GAL C . 11.77 -19.16 6.59
O4 GAL C . 12.22 -18.34 6.47
O5 GAL C . 12.07 -16.40 6.25
O5 GAL C . 12.02 -15.54 6.12
O6 GAL C . 14.53 -16.33 6.41
O6 GAL C . 14.28 -17.29 8.35
C1 GAL D . 3.33 -2.10 -19.79
C2 GAL D . 3.09 -3.57 -20.10
C3 GAL D . 4.07 -4.02 -21.18
C4 GAL D . 4.21 -2.98 -22.31
C5 GAL D . 4.46 -1.57 -21.81
C6 GAL D . 4.71 -0.56 -22.98
O1 GAL D . 2.36 -1.66 -18.84
O2 GAL D . 3.26 -4.40 -18.94
O3 GAL D . 3.54 -5.25 -21.63
O4 GAL D . 3.00 -2.86 -23.00
O5 GAL D . 3.32 -1.28 -21.00
O6 GAL D . 4.15 0.75 -22.73
MG MG E . -12.62 -7.37 -7.32
CL CL F . -10.77 18.10 3.90
CL CL G . 0.63 -9.54 -4.08
CL CL H . 6.66 1.93 20.94
CL CL I . 0.86 18.12 0.67
#